data_6C3T
# 
_entry.id   6C3T 
# 
_audit_conform.dict_name       mmcif_pdbx.dic 
_audit_conform.dict_version    5.389 
_audit_conform.dict_location   http://mmcif.pdb.org/dictionaries/ascii/mmcif_pdbx.dic 
# 
loop_
_database_2.database_id 
_database_2.database_code 
_database_2.pdbx_database_accession 
_database_2.pdbx_DOI 
PDB   6C3T         pdb_00006c3t 10.2210/pdb6c3t/pdb 
WWPDB D_1000232004 ?            ?                   
# 
loop_
_pdbx_audit_revision_history.ordinal 
_pdbx_audit_revision_history.data_content_type 
_pdbx_audit_revision_history.major_revision 
_pdbx_audit_revision_history.minor_revision 
_pdbx_audit_revision_history.revision_date 
1 'Structure model' 1 0 2018-04-18 
2 'Structure model' 1 1 2018-07-18 
3 'Structure model' 1 2 2024-03-13 
4 'Structure model' 1 3 2024-04-03 
# 
_pdbx_audit_revision_details.ordinal             1 
_pdbx_audit_revision_details.revision_ordinal    1 
_pdbx_audit_revision_details.data_content_type   'Structure model' 
_pdbx_audit_revision_details.provider            repository 
_pdbx_audit_revision_details.type                'Initial release' 
_pdbx_audit_revision_details.description         ? 
_pdbx_audit_revision_details.details             ? 
# 
loop_
_pdbx_audit_revision_group.ordinal 
_pdbx_audit_revision_group.revision_ordinal 
_pdbx_audit_revision_group.data_content_type 
_pdbx_audit_revision_group.group 
1 2 'Structure model' 'Data collection'        
2 2 'Structure model' 'Database references'    
3 3 'Structure model' 'Data collection'        
4 3 'Structure model' 'Database references'    
5 4 'Structure model' 'Refinement description' 
# 
loop_
_pdbx_audit_revision_category.ordinal 
_pdbx_audit_revision_category.revision_ordinal 
_pdbx_audit_revision_category.data_content_type 
_pdbx_audit_revision_category.category 
1 2 'Structure model' citation                      
2 3 'Structure model' chem_comp_atom                
3 3 'Structure model' chem_comp_bond                
4 3 'Structure model' database_2                    
5 4 'Structure model' pdbx_initial_refinement_model 
# 
loop_
_pdbx_audit_revision_item.ordinal 
_pdbx_audit_revision_item.revision_ordinal 
_pdbx_audit_revision_item.data_content_type 
_pdbx_audit_revision_item.item 
1 2 'Structure model' '_citation.journal_volume'            
2 2 'Structure model' '_citation.page_first'                
3 2 'Structure model' '_citation.page_last'                 
4 2 'Structure model' '_citation.title'                     
5 3 'Structure model' '_database_2.pdbx_DOI'                
6 3 'Structure model' '_database_2.pdbx_database_accession' 
# 
_pdbx_database_status.status_code                     REL 
_pdbx_database_status.status_code_sf                  REL 
_pdbx_database_status.status_code_mr                  ? 
_pdbx_database_status.entry_id                        6C3T 
_pdbx_database_status.recvd_initial_deposition_date   2018-01-10 
_pdbx_database_status.SG_entry                        N 
_pdbx_database_status.deposit_site                    RCSB 
_pdbx_database_status.process_site                    RCSB 
_pdbx_database_status.status_code_cs                  ? 
_pdbx_database_status.methods_development_category    ? 
_pdbx_database_status.pdb_format_compatible           Y 
_pdbx_database_status.status_code_nmr_data            ? 
# 
loop_
_pdbx_database_related.db_name 
_pdbx_database_related.details 
_pdbx_database_related.db_id 
_pdbx_database_related.content_type 
PDB . 6C3F unspecified 
PDB . 6C3G unspecified 
PDB . 6C3S unspecified 
# 
loop_
_audit_author.name 
_audit_author.pdbx_ordinal 
_audit_author.identifier_ORCID 
'Sievers, S.A.'   1 ?                   
'Sawaya, M.R.'    2 0000-0003-0874-9043 
'Saelices, L.'    3 0000-0002-1904-2150 
'Eisenberg, D.S.' 4 0000-0003-2432-5419 
# 
_citation.abstract                  ? 
_citation.abstract_id_CAS           ? 
_citation.book_id_ISBN              ? 
_citation.book_publisher            ? 
_citation.book_publisher_city       ? 
_citation.book_title                ? 
_citation.coordinate_linkage        ? 
_citation.country                   US 
_citation.database_id_Medline       ? 
_citation.details                   ? 
_citation.id                        primary 
_citation.journal_abbrev            'Protein Sci.' 
_citation.journal_id_ASTM           PRCIEI 
_citation.journal_id_CSD            0795 
_citation.journal_id_ISSN           1469-896X 
_citation.journal_full              ? 
_citation.journal_issue             ? 
_citation.journal_volume            27 
_citation.language                  ? 
_citation.page_first                1295 
_citation.page_last                 1303 
_citation.title                     'Crystal structures of amyloidogenic segments of human transthyretin.' 
_citation.year                      2018 
_citation.database_id_CSD           ? 
_citation.pdbx_database_id_DOI      10.1002/pro.3420 
_citation.pdbx_database_id_PubMed   29626847 
_citation.unpublished_flag          ? 
# 
loop_
_citation_author.citation_id 
_citation_author.name 
_citation_author.ordinal 
_citation_author.identifier_ORCID 
primary 'Saelices, L.'    1 ? 
primary 'Sievers, S.A.'   2 ? 
primary 'Sawaya, M.R.'    3 ? 
primary 'Eisenberg, D.S.' 4 ? 
# 
loop_
_entity.id 
_entity.type 
_entity.src_method 
_entity.pdbx_description 
_entity.formula_weight 
_entity.pdbx_number_of_molecules 
_entity.pdbx_ec 
_entity.pdbx_mutation 
_entity.pdbx_fragment 
_entity.details 
1 polymer syn ALA-ALA-ASP-THR-TRP-GLU 691.686 2 ? ? ? ? 
2 water   nat water                   18.015  5 ? ? ? ? 
# 
_entity_poly.entity_id                      1 
_entity_poly.type                           'polypeptide(L)' 
_entity_poly.nstd_linkage                   no 
_entity_poly.nstd_monomer                   no 
_entity_poly.pdbx_seq_one_letter_code       AADTWE 
_entity_poly.pdbx_seq_one_letter_code_can   AADTWE 
_entity_poly.pdbx_strand_id                 A,B 
_entity_poly.pdbx_target_identifier         ? 
# 
_pdbx_entity_nonpoly.entity_id   2 
_pdbx_entity_nonpoly.name        water 
_pdbx_entity_nonpoly.comp_id     HOH 
# 
loop_
_entity_poly_seq.entity_id 
_entity_poly_seq.num 
_entity_poly_seq.mon_id 
_entity_poly_seq.hetero 
1 1 ALA n 
1 2 ALA n 
1 3 ASP n 
1 4 THR n 
1 5 TRP n 
1 6 GLU n 
# 
_pdbx_entity_src_syn.entity_id              1 
_pdbx_entity_src_syn.pdbx_src_id            1 
_pdbx_entity_src_syn.pdbx_alt_source_flag   sample 
_pdbx_entity_src_syn.pdbx_beg_seq_num       1 
_pdbx_entity_src_syn.pdbx_end_seq_num       6 
_pdbx_entity_src_syn.organism_scientific    'Homo sapiens' 
_pdbx_entity_src_syn.organism_common_name   ? 
_pdbx_entity_src_syn.ncbi_taxonomy_id       9606 
_pdbx_entity_src_syn.details                ? 
# 
loop_
_chem_comp.id 
_chem_comp.type 
_chem_comp.mon_nstd_flag 
_chem_comp.name 
_chem_comp.pdbx_synonyms 
_chem_comp.formula 
_chem_comp.formula_weight 
ALA 'L-peptide linking' y ALANINE         ? 'C3 H7 N O2'    89.093  
ASP 'L-peptide linking' y 'ASPARTIC ACID' ? 'C4 H7 N O4'    133.103 
GLU 'L-peptide linking' y 'GLUTAMIC ACID' ? 'C5 H9 N O4'    147.129 
HOH non-polymer         . WATER           ? 'H2 O'          18.015  
THR 'L-peptide linking' y THREONINE       ? 'C4 H9 N O3'    119.119 
TRP 'L-peptide linking' y TRYPTOPHAN      ? 'C11 H12 N2 O2' 204.225 
# 
loop_
_pdbx_poly_seq_scheme.asym_id 
_pdbx_poly_seq_scheme.entity_id 
_pdbx_poly_seq_scheme.seq_id 
_pdbx_poly_seq_scheme.mon_id 
_pdbx_poly_seq_scheme.ndb_seq_num 
_pdbx_poly_seq_scheme.pdb_seq_num 
_pdbx_poly_seq_scheme.auth_seq_num 
_pdbx_poly_seq_scheme.pdb_mon_id 
_pdbx_poly_seq_scheme.auth_mon_id 
_pdbx_poly_seq_scheme.pdb_strand_id 
_pdbx_poly_seq_scheme.pdb_ins_code 
_pdbx_poly_seq_scheme.hetero 
A 1 1 ALA 1 1 1 ALA ALA A . n 
A 1 2 ALA 2 2 2 ALA ALA A . n 
A 1 3 ASP 3 3 3 ASP ASP A . n 
A 1 4 THR 4 4 4 THR THR A . n 
A 1 5 TRP 5 5 5 TRP TRP A . n 
A 1 6 GLU 6 6 6 GLU GLU A . n 
B 1 1 ALA 1 1 1 ALA ALA B . n 
B 1 2 ALA 2 2 2 ALA ALA B . n 
B 1 3 ASP 3 3 3 ASP ASP B . n 
B 1 4 THR 4 4 4 THR THR B . n 
B 1 5 TRP 5 5 5 TRP TRP B . n 
B 1 6 GLU 6 6 6 GLU GLU B . n 
# 
loop_
_pdbx_nonpoly_scheme.asym_id 
_pdbx_nonpoly_scheme.entity_id 
_pdbx_nonpoly_scheme.mon_id 
_pdbx_nonpoly_scheme.ndb_seq_num 
_pdbx_nonpoly_scheme.pdb_seq_num 
_pdbx_nonpoly_scheme.auth_seq_num 
_pdbx_nonpoly_scheme.pdb_mon_id 
_pdbx_nonpoly_scheme.auth_mon_id 
_pdbx_nonpoly_scheme.pdb_strand_id 
_pdbx_nonpoly_scheme.pdb_ins_code 
C 2 HOH 1 101 1 HOH HOH A . 
C 2 HOH 2 102 3 HOH HOH A . 
C 2 HOH 3 103 5 HOH HOH A . 
D 2 HOH 1 101 4 HOH HOH B . 
D 2 HOH 2 102 2 HOH HOH B . 
# 
loop_
_software.citation_id 
_software.classification 
_software.compiler_name 
_software.compiler_version 
_software.contact_author 
_software.contact_author_email 
_software.date 
_software.description 
_software.dependencies 
_software.hardware 
_software.language 
_software.location 
_software.mods 
_software.name 
_software.os 
_software.os_version 
_software.type 
_software.version 
_software.pdbx_ordinal 
? 'data scaling'    ? ? ? ? ? ? ? ? ? ? ? SCALEPACK   ? ? ? .        1 
? refinement        ? ? ? ? ? ? ? ? ? ? ? REFMAC      ? ? ? 5.4.0061 2 
? 'data extraction' ? ? ? ? ? ? ? ? ? ? ? PDB_EXTRACT ? ? ? 3.24     3 
? 'data reduction'  ? ? ? ? ? ? ? ? ? ? ? DENZO       ? ? ? .        4 
? phasing           ? ? ? ? ? ? ? ? ? ? ? PHASER      ? ? ? .        5 
# 
_cell.angle_alpha                  90.000 
_cell.angle_alpha_esd              ? 
_cell.angle_beta                   102.840 
_cell.angle_beta_esd               ? 
_cell.angle_gamma                  90.000 
_cell.angle_gamma_esd              ? 
_cell.entry_id                     6C3T 
_cell.details                      ? 
_cell.formula_units_Z              ? 
_cell.length_a                     9.019 
_cell.length_a_esd                 ? 
_cell.length_b                     43.157 
_cell.length_b_esd                 ? 
_cell.length_c                     9.392 
_cell.length_c_esd                 ? 
_cell.volume                       ? 
_cell.volume_esd                   ? 
_cell.Z_PDB                        4 
_cell.reciprocal_angle_alpha       ? 
_cell.reciprocal_angle_beta        ? 
_cell.reciprocal_angle_gamma       ? 
_cell.reciprocal_angle_alpha_esd   ? 
_cell.reciprocal_angle_beta_esd    ? 
_cell.reciprocal_angle_gamma_esd   ? 
_cell.reciprocal_length_a          ? 
_cell.reciprocal_length_b          ? 
_cell.reciprocal_length_c          ? 
_cell.reciprocal_length_a_esd      ? 
_cell.reciprocal_length_b_esd      ? 
_cell.reciprocal_length_c_esd      ? 
_cell.pdbx_unique_axis             ? 
# 
_symmetry.entry_id                         6C3T 
_symmetry.cell_setting                     ? 
_symmetry.Int_Tables_number                4 
_symmetry.space_group_name_Hall            ? 
_symmetry.space_group_name_H-M             'P 1 21 1' 
_symmetry.pdbx_full_space_group_name_H-M   ? 
# 
_exptl.absorpt_coefficient_mu     ? 
_exptl.absorpt_correction_T_max   ? 
_exptl.absorpt_correction_T_min   ? 
_exptl.absorpt_correction_type    ? 
_exptl.absorpt_process_details    ? 
_exptl.entry_id                   6C3T 
_exptl.crystals_number            1 
_exptl.details                    ? 
_exptl.method                     'X-RAY DIFFRACTION' 
_exptl.method_details             ? 
# 
_exptl_crystal.colour                      ? 
_exptl_crystal.density_diffrn              ? 
_exptl_crystal.density_Matthews            ? 
_exptl_crystal.density_method              ? 
_exptl_crystal.density_percent_sol         ? 
_exptl_crystal.description                 ? 
_exptl_crystal.F_000                       ? 
_exptl_crystal.id                          1 
_exptl_crystal.preparation                 ? 
_exptl_crystal.size_max                    ? 
_exptl_crystal.size_mid                    ? 
_exptl_crystal.size_min                    ? 
_exptl_crystal.size_rad                    ? 
_exptl_crystal.colour_lustre               ? 
_exptl_crystal.colour_modifier             ? 
_exptl_crystal.colour_primary              ? 
_exptl_crystal.density_meas                ? 
_exptl_crystal.density_meas_esd            ? 
_exptl_crystal.density_meas_gt             ? 
_exptl_crystal.density_meas_lt             ? 
_exptl_crystal.density_meas_temp           ? 
_exptl_crystal.density_meas_temp_esd       ? 
_exptl_crystal.density_meas_temp_gt        ? 
_exptl_crystal.density_meas_temp_lt        ? 
_exptl_crystal.pdbx_crystal_image_url      ? 
_exptl_crystal.pdbx_crystal_image_format   ? 
_exptl_crystal.pdbx_mosaicity              ? 
_exptl_crystal.pdbx_mosaicity_esd          ? 
# 
_exptl_crystal_grow.apparatus       ? 
_exptl_crystal_grow.atmosphere      ? 
_exptl_crystal_grow.crystal_id      1 
_exptl_crystal_grow.details         ? 
_exptl_crystal_grow.method          'VAPOR DIFFUSION, HANGING DROP' 
_exptl_crystal_grow.method_ref      ? 
_exptl_crystal_grow.pH              ? 
_exptl_crystal_grow.pressure        ? 
_exptl_crystal_grow.pressure_esd    ? 
_exptl_crystal_grow.seeding         ? 
_exptl_crystal_grow.seeding_ref     ? 
_exptl_crystal_grow.temp            298 
_exptl_crystal_grow.temp_details    ? 
_exptl_crystal_grow.temp_esd        ? 
_exptl_crystal_grow.time            ? 
_exptl_crystal_grow.pdbx_details    
;AADTWE crystals were grown from a solution containing 100 mg/ml peptide. The reservoir contained 0.2 M Ammonium phosphate monobasic, 0.1 M Tris pH 8.5, and 50 % v/v MPD. Crystals were soaked on 25% Glycerol prior to diffraction
;
_exptl_crystal_grow.pdbx_pH_range   ? 
# 
_diffrn.ambient_environment    ? 
_diffrn.ambient_temp           100 
_diffrn.ambient_temp_details   ? 
_diffrn.ambient_temp_esd       ? 
_diffrn.crystal_id             1 
_diffrn.crystal_support        ? 
_diffrn.crystal_treatment      ? 
_diffrn.details                ? 
_diffrn.id                     1 
_diffrn.ambient_pressure       ? 
_diffrn.ambient_pressure_esd   ? 
_diffrn.ambient_pressure_gt    ? 
_diffrn.ambient_pressure_lt    ? 
_diffrn.ambient_temp_gt        ? 
_diffrn.ambient_temp_lt        ? 
# 
_diffrn_detector.details                      ? 
_diffrn_detector.detector                     CCD 
_diffrn_detector.diffrn_id                    1 
_diffrn_detector.type                         'ADSC QUANTUM 315' 
_diffrn_detector.area_resol_mean              ? 
_diffrn_detector.dtime                        ? 
_diffrn_detector.pdbx_frames_total            ? 
_diffrn_detector.pdbx_collection_time_total   ? 
_diffrn_detector.pdbx_collection_date         2008-10-29 
# 
_diffrn_radiation.collimation                      ? 
_diffrn_radiation.diffrn_id                        1 
_diffrn_radiation.filter_edge                      ? 
_diffrn_radiation.inhomogeneity                    ? 
_diffrn_radiation.monochromator                    ? 
_diffrn_radiation.polarisn_norm                    ? 
_diffrn_radiation.polarisn_ratio                   ? 
_diffrn_radiation.probe                            ? 
_diffrn_radiation.type                             ? 
_diffrn_radiation.xray_symbol                      ? 
_diffrn_radiation.wavelength_id                    1 
_diffrn_radiation.pdbx_monochromatic_or_laue_m_l   M 
_diffrn_radiation.pdbx_wavelength_list             ? 
_diffrn_radiation.pdbx_wavelength                  ? 
_diffrn_radiation.pdbx_diffrn_protocol             'SINGLE WAVELENGTH' 
_diffrn_radiation.pdbx_analyzer                    ? 
_diffrn_radiation.pdbx_scattering_type             x-ray 
# 
_diffrn_radiation_wavelength.id           1 
_diffrn_radiation_wavelength.wavelength   0.9792 
_diffrn_radiation_wavelength.wt           1.0 
# 
_diffrn_source.current                     ? 
_diffrn_source.details                     ? 
_diffrn_source.diffrn_id                   1 
_diffrn_source.power                       ? 
_diffrn_source.size                        ? 
_diffrn_source.source                      SYNCHROTRON 
_diffrn_source.target                      ? 
_diffrn_source.type                        'APS BEAMLINE 24-ID-E' 
_diffrn_source.voltage                     ? 
_diffrn_source.take-off_angle              ? 
_diffrn_source.pdbx_wavelength_list        0.9792 
_diffrn_source.pdbx_wavelength             ? 
_diffrn_source.pdbx_synchrotron_beamline   24-ID-E 
_diffrn_source.pdbx_synchrotron_site       APS 
# 
_reflns.B_iso_Wilson_estimate            ? 
_reflns.entry_id                         6C3T 
_reflns.data_reduction_details           ? 
_reflns.data_reduction_method            ? 
_reflns.d_resolution_high                1.000 
_reflns.d_resolution_low                 90.000 
_reflns.details                          ? 
_reflns.limit_h_max                      ? 
_reflns.limit_h_min                      ? 
_reflns.limit_k_max                      ? 
_reflns.limit_k_min                      ? 
_reflns.limit_l_max                      ? 
_reflns.limit_l_min                      ? 
_reflns.number_all                       ? 
_reflns.number_obs                       3204 
_reflns.observed_criterion               ? 
_reflns.observed_criterion_F_max         ? 
_reflns.observed_criterion_F_min         ? 
_reflns.observed_criterion_I_max         ? 
_reflns.observed_criterion_I_min         ? 
_reflns.observed_criterion_sigma_F       ? 
_reflns.observed_criterion_sigma_I       ? 
_reflns.percent_possible_obs             83.500 
_reflns.R_free_details                   ? 
_reflns.Rmerge_F_all                     ? 
_reflns.Rmerge_F_obs                     ? 
_reflns.Friedel_coverage                 ? 
_reflns.number_gt                        ? 
_reflns.threshold_expression             ? 
_reflns.pdbx_redundancy                  13.900 
_reflns.pdbx_Rmerge_I_obs                0.128 
_reflns.pdbx_Rmerge_I_all                ? 
_reflns.pdbx_Rsym_value                  ? 
_reflns.pdbx_netI_over_av_sigmaI         ? 
_reflns.pdbx_netI_over_sigmaI            11.700 
_reflns.pdbx_res_netI_over_av_sigmaI_2   ? 
_reflns.pdbx_res_netI_over_sigmaI_2      ? 
_reflns.pdbx_chi_squared                 1.071 
_reflns.pdbx_scaling_rejects             ? 
_reflns.pdbx_d_res_high_opt              ? 
_reflns.pdbx_d_res_low_opt               ? 
_reflns.pdbx_d_res_opt_method            ? 
_reflns.phase_calculation_details        ? 
_reflns.pdbx_Rrim_I_all                  ? 
_reflns.pdbx_Rpim_I_all                  ? 
_reflns.pdbx_d_opt                       ? 
_reflns.pdbx_number_measured_all         ? 
_reflns.pdbx_diffrn_id                   1 
_reflns.pdbx_ordinal                     1 
_reflns.pdbx_CC_half                     ? 
_reflns.pdbx_R_split                     ? 
# 
loop_
_reflns_shell.d_res_high 
_reflns_shell.d_res_low 
_reflns_shell.meanI_over_sigI_all 
_reflns_shell.meanI_over_sigI_obs 
_reflns_shell.number_measured_all 
_reflns_shell.number_measured_obs 
_reflns_shell.number_possible 
_reflns_shell.number_unique_all 
_reflns_shell.number_unique_obs 
_reflns_shell.percent_possible_all 
_reflns_shell.percent_possible_obs 
_reflns_shell.Rmerge_F_all 
_reflns_shell.Rmerge_F_obs 
_reflns_shell.Rmerge_I_all 
_reflns_shell.Rmerge_I_obs 
_reflns_shell.meanI_over_sigI_gt 
_reflns_shell.meanI_over_uI_all 
_reflns_shell.meanI_over_uI_gt 
_reflns_shell.number_measured_gt 
_reflns_shell.number_unique_gt 
_reflns_shell.percent_possible_gt 
_reflns_shell.Rmerge_F_gt 
_reflns_shell.Rmerge_I_gt 
_reflns_shell.pdbx_redundancy 
_reflns_shell.pdbx_Rsym_value 
_reflns_shell.pdbx_chi_squared 
_reflns_shell.pdbx_netI_over_sigmaI_all 
_reflns_shell.pdbx_netI_over_sigmaI_obs 
_reflns_shell.pdbx_Rrim_I_all 
_reflns_shell.pdbx_Rpim_I_all 
_reflns_shell.pdbx_rejects 
_reflns_shell.pdbx_ordinal 
_reflns_shell.pdbx_diffrn_id 
_reflns_shell.pdbx_CC_half 
_reflns_shell.pdbx_R_split 
1.000 1.080  ? ? ? ? ? ? 353 46.800 ? ? ? ? 0.397 ? ? ? ? ? ? ? ? 10.500 ? 1.027 ? ? ? ? ? 1 1 ? ? 
1.080 1.190  ? ? ? ? ? ? 689 88.900 ? ? ? ? 0.244 ? ? ? ? ? ? ? ? 13.800 ? 1.107 ? ? ? ? ? 2 1 ? ? 
1.190 1.360  ? ? ? ? ? ? 695 91.700 ? ? ? ? 0.187 ? ? ? ? ? ? ? ? 14.800 ? 1.092 ? ? ? ? ? 3 1 ? ? 
1.360 1.710  ? ? ? ? ? ? 701 92.500 ? ? ? ? 0.139 ? ? ? ? ? ? ? ? 14.800 ? 1.032 ? ? ? ? ? 4 1 ? ? 
1.710 90.000 ? ? ? ? ? ? 766 96.700 ? ? ? ? 0.089 ? ? ? ? ? ? ? ? 14.100 ? 1.073 ? ? ? ? ? 5 1 ? ? 
# 
_refine.aniso_B[1][1]                            0.8700 
_refine.aniso_B[1][2]                            0.0000 
_refine.aniso_B[1][3]                            0.1200 
_refine.aniso_B[2][2]                            -0.5000 
_refine.aniso_B[2][3]                            0.0000 
_refine.aniso_B[3][3]                            -0.3200 
_refine.B_iso_max                                32.140 
_refine.B_iso_mean                               3.3110 
_refine.B_iso_min                                2.150 
_refine.correlation_coeff_Fo_to_Fc               0.9830 
_refine.correlation_coeff_Fo_to_Fc_free          0.9770 
_refine.details                                  'HYDROGENS HAVE BEEN ADDED IN THE RIDING POSITIONS' 
_refine.diff_density_max                         ? 
_refine.diff_density_max_esd                     ? 
_refine.diff_density_min                         ? 
_refine.diff_density_min_esd                     ? 
_refine.diff_density_rms                         ? 
_refine.diff_density_rms_esd                     ? 
_refine.entry_id                                 6C3T 
_refine.pdbx_refine_id                           'X-RAY DIFFRACTION' 
_refine.ls_abs_structure_details                 ? 
_refine.ls_abs_structure_Flack                   ? 
_refine.ls_abs_structure_Flack_esd               ? 
_refine.ls_abs_structure_Rogers                  ? 
_refine.ls_abs_structure_Rogers_esd              ? 
_refine.ls_d_res_high                            1.0000 
_refine.ls_d_res_low                             21.5800 
_refine.ls_extinction_coef                       ? 
_refine.ls_extinction_coef_esd                   ? 
_refine.ls_extinction_expression                 ? 
_refine.ls_extinction_method                     ? 
_refine.ls_goodness_of_fit_all                   ? 
_refine.ls_goodness_of_fit_all_esd               ? 
_refine.ls_goodness_of_fit_obs                   ? 
_refine.ls_goodness_of_fit_obs_esd               ? 
_refine.ls_hydrogen_treatment                    ? 
_refine.ls_matrix_type                           ? 
_refine.ls_number_constraints                    ? 
_refine.ls_number_parameters                     ? 
_refine.ls_number_reflns_all                     ? 
_refine.ls_number_reflns_obs                     2887 
_refine.ls_number_reflns_R_free                  295 
_refine.ls_number_reflns_R_work                  ? 
_refine.ls_number_restraints                     ? 
_refine.ls_percent_reflns_obs                    82.7800 
_refine.ls_percent_reflns_R_free                 9.3000 
_refine.ls_R_factor_all                          ? 
_refine.ls_R_factor_obs                          0.1107 
_refine.ls_R_factor_R_free                       0.1240 
_refine.ls_R_factor_R_free_error                 ? 
_refine.ls_R_factor_R_free_error_details         ? 
_refine.ls_R_factor_R_work                       0.1093 
_refine.ls_R_Fsqd_factor_obs                     ? 
_refine.ls_R_I_factor_obs                        ? 
_refine.ls_redundancy_reflns_all                 ? 
_refine.ls_redundancy_reflns_obs                 ? 
_refine.ls_restrained_S_all                      ? 
_refine.ls_restrained_S_obs                      ? 
_refine.ls_shift_over_esd_max                    ? 
_refine.ls_shift_over_esd_mean                   ? 
_refine.ls_structure_factor_coef                 ? 
_refine.ls_weighting_details                     ? 
_refine.ls_weighting_scheme                      ? 
_refine.ls_wR_factor_all                         ? 
_refine.ls_wR_factor_obs                         ? 
_refine.ls_wR_factor_R_free                      ? 
_refine.ls_wR_factor_R_work                      ? 
_refine.occupancy_max                            ? 
_refine.occupancy_min                            ? 
_refine.solvent_model_details                    ? 
_refine.solvent_model_param_bsol                 ? 
_refine.solvent_model_param_ksol                 ? 
_refine.ls_R_factor_gt                           ? 
_refine.ls_goodness_of_fit_gt                    ? 
_refine.ls_goodness_of_fit_ref                   ? 
_refine.ls_shift_over_su_max                     ? 
_refine.ls_shift_over_su_max_lt                  ? 
_refine.ls_shift_over_su_mean                    ? 
_refine.ls_shift_over_su_mean_lt                 ? 
_refine.pdbx_ls_sigma_I                          ? 
_refine.pdbx_ls_sigma_F                          0.000 
_refine.pdbx_ls_sigma_Fsqd                       ? 
_refine.pdbx_data_cutoff_high_absF               ? 
_refine.pdbx_data_cutoff_high_rms_absF           ? 
_refine.pdbx_data_cutoff_low_absF                ? 
_refine.pdbx_isotropic_thermal_model             ? 
_refine.pdbx_ls_cross_valid_method               THROUGHOUT 
_refine.pdbx_method_to_determine_struct          'MOLECULAR REPLACEMENT' 
_refine.pdbx_starting_model                      'Ideal beta strand' 
_refine.pdbx_stereochemistry_target_values       ? 
_refine.pdbx_R_Free_selection_details            RANDOM 
_refine.pdbx_stereochem_target_val_spec_case     ? 
_refine.pdbx_overall_ESU_R                       0.0270 
_refine.pdbx_overall_ESU_R_Free                  0.0260 
_refine.pdbx_solvent_vdw_probe_radii             1.4000 
_refine.pdbx_solvent_ion_probe_radii             0.8000 
_refine.pdbx_solvent_shrinkage_radii             0.8000 
_refine.pdbx_real_space_R                        ? 
_refine.pdbx_density_correlation                 ? 
_refine.pdbx_pd_number_of_powder_patterns        ? 
_refine.pdbx_pd_number_of_points                 ? 
_refine.pdbx_pd_meas_number_of_points            ? 
_refine.pdbx_pd_proc_ls_prof_R_factor            ? 
_refine.pdbx_pd_proc_ls_prof_wR_factor           ? 
_refine.pdbx_pd_Marquardt_correlation_coeff      ? 
_refine.pdbx_pd_Fsqrd_R_factor                   ? 
_refine.pdbx_pd_ls_matrix_band_width             ? 
_refine.pdbx_overall_phase_error                 ? 
_refine.pdbx_overall_SU_R_free_Cruickshank_DPI   ? 
_refine.pdbx_overall_SU_R_free_Blow_DPI          ? 
_refine.pdbx_overall_SU_R_Blow_DPI               ? 
_refine.pdbx_TLS_residual_ADP_flag               ? 
_refine.pdbx_diffrn_id                           1 
_refine.overall_SU_B                             0.6390 
_refine.overall_SU_ML                            0.0150 
_refine.overall_SU_R_Cruickshank_DPI             ? 
_refine.overall_SU_R_free                        ? 
_refine.overall_FOM_free_R_set                   ? 
_refine.overall_FOM_work_R_set                   ? 
_refine.pdbx_average_fsc_overall                 ? 
_refine.pdbx_average_fsc_work                    ? 
_refine.pdbx_average_fsc_free                    ? 
# 
_refine_hist.cycle_id                         final 
_refine_hist.pdbx_refine_id                   'X-RAY DIFFRACTION' 
_refine_hist.d_res_high                       1.0000 
_refine_hist.d_res_low                        21.5800 
_refine_hist.pdbx_number_atoms_ligand         0 
_refine_hist.number_atoms_solvent             5 
_refine_hist.number_atoms_total               103 
_refine_hist.pdbx_number_residues_total       12 
_refine_hist.pdbx_B_iso_mean_solvent          13.40 
_refine_hist.pdbx_number_atoms_protein        98 
_refine_hist.pdbx_number_atoms_nucleic_acid   0 
# 
_refine_ls_shell.pdbx_refine_id                   'X-RAY DIFFRACTION' 
_refine_ls_shell.d_res_high                       0.9960 
_refine_ls_shell.d_res_low                        1.0220 
_refine_ls_shell.number_reflns_all                96 
_refine_ls_shell.number_reflns_obs                ? 
_refine_ls_shell.number_reflns_R_free             10 
_refine_ls_shell.number_reflns_R_work             86 
_refine_ls_shell.percent_reflns_obs               32.8800 
_refine_ls_shell.percent_reflns_R_free            ? 
_refine_ls_shell.R_factor_all                     ? 
_refine_ls_shell.R_factor_obs                     ? 
_refine_ls_shell.R_factor_R_free                  0.1770 
_refine_ls_shell.R_factor_R_free_error            0.0000 
_refine_ls_shell.R_factor_R_work                  0.2030 
_refine_ls_shell.redundancy_reflns_all            ? 
_refine_ls_shell.redundancy_reflns_obs            ? 
_refine_ls_shell.wR_factor_all                    ? 
_refine_ls_shell.wR_factor_obs                    ? 
_refine_ls_shell.wR_factor_R_free                 ? 
_refine_ls_shell.wR_factor_R_work                 ? 
_refine_ls_shell.pdbx_total_number_of_bins_used   20 
_refine_ls_shell.pdbx_phase_error                 ? 
_refine_ls_shell.pdbx_fsc_work                    ? 
_refine_ls_shell.pdbx_fsc_free                    ? 
# 
_struct.entry_id                     6C3T 
_struct.title                        
;AMYLOID FORMING PEPTIDE AADTWE FROM TRANSTHYRETIN WITH ATTR-D38A MUTATION ASSOCIATED WITH A FAMILIAL FORM OF TRANSTHYRETIN AMYLOIDOSIS
;
_struct.pdbx_model_details           ? 
_struct.pdbx_formula_weight          ? 
_struct.pdbx_formula_weight_method   ? 
_struct.pdbx_model_type_details      ? 
_struct.pdbx_CASP_flag               N 
# 
_struct_keywords.entry_id        6C3T 
_struct_keywords.text            'amyloid, transthyretin, fibril, PROTEIN FIBRIL' 
_struct_keywords.pdbx_keywords   'PROTEIN FIBRIL' 
# 
loop_
_struct_asym.id 
_struct_asym.pdbx_blank_PDB_chainid_flag 
_struct_asym.pdbx_modified 
_struct_asym.entity_id 
_struct_asym.details 
A N N 1 ? 
B N N 1 ? 
C N N 2 ? 
D N N 2 ? 
# 
_struct_ref.id                         1 
_struct_ref.db_name                    PDB 
_struct_ref.db_code                    6C3T 
_struct_ref.pdbx_db_accession          6C3T 
_struct_ref.pdbx_db_isoform            ? 
_struct_ref.entity_id                  1 
_struct_ref.pdbx_seq_one_letter_code   ? 
_struct_ref.pdbx_align_begin           1 
# 
loop_
_struct_ref_seq.align_id 
_struct_ref_seq.ref_id 
_struct_ref_seq.pdbx_PDB_id_code 
_struct_ref_seq.pdbx_strand_id 
_struct_ref_seq.seq_align_beg 
_struct_ref_seq.pdbx_seq_align_beg_ins_code 
_struct_ref_seq.seq_align_end 
_struct_ref_seq.pdbx_seq_align_end_ins_code 
_struct_ref_seq.pdbx_db_accession 
_struct_ref_seq.db_align_beg 
_struct_ref_seq.pdbx_db_align_beg_ins_code 
_struct_ref_seq.db_align_end 
_struct_ref_seq.pdbx_db_align_end_ins_code 
_struct_ref_seq.pdbx_auth_seq_align_beg 
_struct_ref_seq.pdbx_auth_seq_align_end 
1 1 6C3T A 1 ? 6 ? 6C3T 1 ? 6 ? 1 6 
2 1 6C3T B 1 ? 6 ? 6C3T 1 ? 6 ? 1 6 
# 
_pdbx_struct_assembly.id                   1 
_pdbx_struct_assembly.details              author_defined_assembly 
_pdbx_struct_assembly.method_details       ? 
_pdbx_struct_assembly.oligomeric_details   eicosameric 
_pdbx_struct_assembly.oligomeric_count     20 
# 
_pdbx_struct_assembly_gen.assembly_id       1 
_pdbx_struct_assembly_gen.oper_expression   1,2,3,4,5,6,7,8,9,10 
_pdbx_struct_assembly_gen.asym_id_list      A,B,C,D 
# 
_pdbx_struct_assembly_auth_evidence.id                     1 
_pdbx_struct_assembly_auth_evidence.assembly_id            1 
_pdbx_struct_assembly_auth_evidence.experimental_support   'scanning transmission electron microscopy' 
_pdbx_struct_assembly_auth_evidence.details                ? 
# 
loop_
_pdbx_struct_oper_list.id 
_pdbx_struct_oper_list.type 
_pdbx_struct_oper_list.name 
_pdbx_struct_oper_list.symmetry_operation 
_pdbx_struct_oper_list.matrix[1][1] 
_pdbx_struct_oper_list.matrix[1][2] 
_pdbx_struct_oper_list.matrix[1][3] 
_pdbx_struct_oper_list.vector[1] 
_pdbx_struct_oper_list.matrix[2][1] 
_pdbx_struct_oper_list.matrix[2][2] 
_pdbx_struct_oper_list.matrix[2][3] 
_pdbx_struct_oper_list.vector[2] 
_pdbx_struct_oper_list.matrix[3][1] 
_pdbx_struct_oper_list.matrix[3][2] 
_pdbx_struct_oper_list.matrix[3][3] 
_pdbx_struct_oper_list.vector[3] 
1  'identity operation'         1_555 x,y,z     1.0000000000 0.0000000000 0.0000000000 0.0000000000  0.0000000000 1.0000000000 0.0000000000 0.0000000000  0.0000000000 0.0000000000 1.0000000000 0.0000000000   
2  'crystal symmetry operation' 1_556 x,y,z+1   1.0000000000 0.0000000000 0.0000000000 -1.4401140822 0.0000000000 1.0000000000 0.0000000000 3.0491401815  0.0000000000 0.0000000000 1.0000000000 8.7657560760   
3  'crystal symmetry operation' 1_554 x,y,z-1   1.0000000000 0.0000000000 0.0000000000 1.4401140822  0.0000000000 1.0000000000 0.0000000000 -3.0491401815 0.0000000000 0.0000000000 1.0000000000 -8.7657560760  
4  'crystal symmetry operation' 1_553 x,y,z-2   1.0000000000 0.0000000000 0.0000000000 2.8802281644  0.0000000000 1.0000000000 0.0000000000 -6.0982803632 0.0000000000 0.0000000000 1.0000000000 -17.5315121519 
5  'crystal symmetry operation' 1_557 x,y,z+2   1.0000000000 0.0000000000 0.0000000000 -2.8802281644 0.0000000000 1.0000000000 0.0000000000 6.0982803632  0.0000000000 0.0000000000 1.0000000000 17.5315121519  
6  'crystal symmetry operation' 1_655 x+1,y,z   1.0000000000 0.0000000000 0.0000000000 -2.8900719244 0.0000000000 1.0000000000 0.0000000000 6.9089629796  0.0000000000 0.0000000000 1.0000000000 -5.0255423407  
7  'crystal symmetry operation' 1_656 x+1,y,z+1 1.0000000000 0.0000000000 0.0000000000 -4.3301860066 0.0000000000 1.0000000000 0.0000000000 9.9581031611  0.0000000000 0.0000000000 1.0000000000 3.7402137352   
8  'crystal symmetry operation' 1_654 x+1,y,z-1 1.0000000000 0.0000000000 0.0000000000 -1.4499578422 0.0000000000 1.0000000000 0.0000000000 3.8598227981  0.0000000000 0.0000000000 1.0000000000 -13.7912984167 
9  'crystal symmetry operation' 1_657 x+1,y,z+2 1.0000000000 0.0000000000 0.0000000000 -5.7703000888 0.0000000000 1.0000000000 0.0000000000 13.0072433427 0.0000000000 0.0000000000 1.0000000000 12.5059698112  
10 'crystal symmetry operation' 1_653 x+1,y,z-2 1.0000000000 0.0000000000 0.0000000000 -0.0098437600 0.0000000000 1.0000000000 0.0000000000 0.8106826164  0.0000000000 0.0000000000 1.0000000000 -22.5570544927 
# 
_struct_sheet.id               AA1 
_struct_sheet.type             ? 
_struct_sheet.number_strands   2 
_struct_sheet.details          ? 
# 
_struct_sheet_order.sheet_id     AA1 
_struct_sheet_order.range_id_1   1 
_struct_sheet_order.range_id_2   2 
_struct_sheet_order.offset       ? 
_struct_sheet_order.sense        anti-parallel 
# 
loop_
_struct_sheet_range.sheet_id 
_struct_sheet_range.id 
_struct_sheet_range.beg_label_comp_id 
_struct_sheet_range.beg_label_asym_id 
_struct_sheet_range.beg_label_seq_id 
_struct_sheet_range.pdbx_beg_PDB_ins_code 
_struct_sheet_range.end_label_comp_id 
_struct_sheet_range.end_label_asym_id 
_struct_sheet_range.end_label_seq_id 
_struct_sheet_range.pdbx_end_PDB_ins_code 
_struct_sheet_range.beg_auth_comp_id 
_struct_sheet_range.beg_auth_asym_id 
_struct_sheet_range.beg_auth_seq_id 
_struct_sheet_range.end_auth_comp_id 
_struct_sheet_range.end_auth_asym_id 
_struct_sheet_range.end_auth_seq_id 
AA1 1 ALA A 2 ? THR A 4 ? ALA A 2 THR A 4 
AA1 2 ALA B 2 ? THR B 4 ? ALA B 2 THR B 4 
# 
_pdbx_struct_sheet_hbond.sheet_id                AA1 
_pdbx_struct_sheet_hbond.range_id_1              1 
_pdbx_struct_sheet_hbond.range_id_2              2 
_pdbx_struct_sheet_hbond.range_1_label_atom_id   N 
_pdbx_struct_sheet_hbond.range_1_label_comp_id   ASP 
_pdbx_struct_sheet_hbond.range_1_label_asym_id   A 
_pdbx_struct_sheet_hbond.range_1_label_seq_id    3 
_pdbx_struct_sheet_hbond.range_1_PDB_ins_code    ? 
_pdbx_struct_sheet_hbond.range_1_auth_atom_id    N 
_pdbx_struct_sheet_hbond.range_1_auth_comp_id    ASP 
_pdbx_struct_sheet_hbond.range_1_auth_asym_id    A 
_pdbx_struct_sheet_hbond.range_1_auth_seq_id     3 
_pdbx_struct_sheet_hbond.range_2_label_atom_id   O 
_pdbx_struct_sheet_hbond.range_2_label_comp_id   ASP 
_pdbx_struct_sheet_hbond.range_2_label_asym_id   B 
_pdbx_struct_sheet_hbond.range_2_label_seq_id    3 
_pdbx_struct_sheet_hbond.range_2_PDB_ins_code    ? 
_pdbx_struct_sheet_hbond.range_2_auth_atom_id    O 
_pdbx_struct_sheet_hbond.range_2_auth_comp_id    ASP 
_pdbx_struct_sheet_hbond.range_2_auth_asym_id    B 
_pdbx_struct_sheet_hbond.range_2_auth_seq_id     3 
# 
loop_
_chem_comp_atom.comp_id 
_chem_comp_atom.atom_id 
_chem_comp_atom.type_symbol 
_chem_comp_atom.pdbx_aromatic_flag 
_chem_comp_atom.pdbx_stereo_config 
_chem_comp_atom.pdbx_ordinal 
ALA N    N N N 1  
ALA CA   C N S 2  
ALA C    C N N 3  
ALA O    O N N 4  
ALA CB   C N N 5  
ALA OXT  O N N 6  
ALA H    H N N 7  
ALA H2   H N N 8  
ALA HA   H N N 9  
ALA HB1  H N N 10 
ALA HB2  H N N 11 
ALA HB3  H N N 12 
ALA HXT  H N N 13 
ASP N    N N N 14 
ASP CA   C N S 15 
ASP C    C N N 16 
ASP O    O N N 17 
ASP CB   C N N 18 
ASP CG   C N N 19 
ASP OD1  O N N 20 
ASP OD2  O N N 21 
ASP OXT  O N N 22 
ASP H    H N N 23 
ASP H2   H N N 24 
ASP HA   H N N 25 
ASP HB2  H N N 26 
ASP HB3  H N N 27 
ASP HD2  H N N 28 
ASP HXT  H N N 29 
GLU N    N N N 30 
GLU CA   C N S 31 
GLU C    C N N 32 
GLU O    O N N 33 
GLU CB   C N N 34 
GLU CG   C N N 35 
GLU CD   C N N 36 
GLU OE1  O N N 37 
GLU OE2  O N N 38 
GLU OXT  O N N 39 
GLU H    H N N 40 
GLU H2   H N N 41 
GLU HA   H N N 42 
GLU HB2  H N N 43 
GLU HB3  H N N 44 
GLU HG2  H N N 45 
GLU HG3  H N N 46 
GLU HE2  H N N 47 
GLU HXT  H N N 48 
HOH O    O N N 49 
HOH H1   H N N 50 
HOH H2   H N N 51 
THR N    N N N 52 
THR CA   C N S 53 
THR C    C N N 54 
THR O    O N N 55 
THR CB   C N R 56 
THR OG1  O N N 57 
THR CG2  C N N 58 
THR OXT  O N N 59 
THR H    H N N 60 
THR H2   H N N 61 
THR HA   H N N 62 
THR HB   H N N 63 
THR HG1  H N N 64 
THR HG21 H N N 65 
THR HG22 H N N 66 
THR HG23 H N N 67 
THR HXT  H N N 68 
TRP N    N N N 69 
TRP CA   C N S 70 
TRP C    C N N 71 
TRP O    O N N 72 
TRP CB   C N N 73 
TRP CG   C Y N 74 
TRP CD1  C Y N 75 
TRP CD2  C Y N 76 
TRP NE1  N Y N 77 
TRP CE2  C Y N 78 
TRP CE3  C Y N 79 
TRP CZ2  C Y N 80 
TRP CZ3  C Y N 81 
TRP CH2  C Y N 82 
TRP OXT  O N N 83 
TRP H    H N N 84 
TRP H2   H N N 85 
TRP HA   H N N 86 
TRP HB2  H N N 87 
TRP HB3  H N N 88 
TRP HD1  H N N 89 
TRP HE1  H N N 90 
TRP HE3  H N N 91 
TRP HZ2  H N N 92 
TRP HZ3  H N N 93 
TRP HH2  H N N 94 
TRP HXT  H N N 95 
# 
loop_
_chem_comp_bond.comp_id 
_chem_comp_bond.atom_id_1 
_chem_comp_bond.atom_id_2 
_chem_comp_bond.value_order 
_chem_comp_bond.pdbx_aromatic_flag 
_chem_comp_bond.pdbx_stereo_config 
_chem_comp_bond.pdbx_ordinal 
ALA N   CA   sing N N 1  
ALA N   H    sing N N 2  
ALA N   H2   sing N N 3  
ALA CA  C    sing N N 4  
ALA CA  CB   sing N N 5  
ALA CA  HA   sing N N 6  
ALA C   O    doub N N 7  
ALA C   OXT  sing N N 8  
ALA CB  HB1  sing N N 9  
ALA CB  HB2  sing N N 10 
ALA CB  HB3  sing N N 11 
ALA OXT HXT  sing N N 12 
ASP N   CA   sing N N 13 
ASP N   H    sing N N 14 
ASP N   H2   sing N N 15 
ASP CA  C    sing N N 16 
ASP CA  CB   sing N N 17 
ASP CA  HA   sing N N 18 
ASP C   O    doub N N 19 
ASP C   OXT  sing N N 20 
ASP CB  CG   sing N N 21 
ASP CB  HB2  sing N N 22 
ASP CB  HB3  sing N N 23 
ASP CG  OD1  doub N N 24 
ASP CG  OD2  sing N N 25 
ASP OD2 HD2  sing N N 26 
ASP OXT HXT  sing N N 27 
GLU N   CA   sing N N 28 
GLU N   H    sing N N 29 
GLU N   H2   sing N N 30 
GLU CA  C    sing N N 31 
GLU CA  CB   sing N N 32 
GLU CA  HA   sing N N 33 
GLU C   O    doub N N 34 
GLU C   OXT  sing N N 35 
GLU CB  CG   sing N N 36 
GLU CB  HB2  sing N N 37 
GLU CB  HB3  sing N N 38 
GLU CG  CD   sing N N 39 
GLU CG  HG2  sing N N 40 
GLU CG  HG3  sing N N 41 
GLU CD  OE1  doub N N 42 
GLU CD  OE2  sing N N 43 
GLU OE2 HE2  sing N N 44 
GLU OXT HXT  sing N N 45 
HOH O   H1   sing N N 46 
HOH O   H2   sing N N 47 
THR N   CA   sing N N 48 
THR N   H    sing N N 49 
THR N   H2   sing N N 50 
THR CA  C    sing N N 51 
THR CA  CB   sing N N 52 
THR CA  HA   sing N N 53 
THR C   O    doub N N 54 
THR C   OXT  sing N N 55 
THR CB  OG1  sing N N 56 
THR CB  CG2  sing N N 57 
THR CB  HB   sing N N 58 
THR OG1 HG1  sing N N 59 
THR CG2 HG21 sing N N 60 
THR CG2 HG22 sing N N 61 
THR CG2 HG23 sing N N 62 
THR OXT HXT  sing N N 63 
TRP N   CA   sing N N 64 
TRP N   H    sing N N 65 
TRP N   H2   sing N N 66 
TRP CA  C    sing N N 67 
TRP CA  CB   sing N N 68 
TRP CA  HA   sing N N 69 
TRP C   O    doub N N 70 
TRP C   OXT  sing N N 71 
TRP CB  CG   sing N N 72 
TRP CB  HB2  sing N N 73 
TRP CB  HB3  sing N N 74 
TRP CG  CD1  doub Y N 75 
TRP CG  CD2  sing Y N 76 
TRP CD1 NE1  sing Y N 77 
TRP CD1 HD1  sing N N 78 
TRP CD2 CE2  doub Y N 79 
TRP CD2 CE3  sing Y N 80 
TRP NE1 CE2  sing Y N 81 
TRP NE1 HE1  sing N N 82 
TRP CE2 CZ2  sing Y N 83 
TRP CE3 CZ3  doub Y N 84 
TRP CE3 HE3  sing N N 85 
TRP CZ2 CH2  doub Y N 86 
TRP CZ2 HZ2  sing N N 87 
TRP CZ3 CH2  sing Y N 88 
TRP CZ3 HZ3  sing N N 89 
TRP CH2 HH2  sing N N 90 
TRP OXT HXT  sing N N 91 
# 
_pdbx_initial_refinement_model.accession_code   ? 
_pdbx_initial_refinement_model.id               1 
_pdbx_initial_refinement_model.entity_id_list   ? 
_pdbx_initial_refinement_model.type             'in silico model' 
_pdbx_initial_refinement_model.source_name      Other 
_pdbx_initial_refinement_model.details          'Ideal beta strand' 
# 
_atom_sites.entry_id                    6C3T 
_atom_sites.fract_transf_matrix[1][1]   -0.04134767 
_atom_sites.fract_transf_matrix[1][2]   0.09775937 
_atom_sites.fract_transf_matrix[1][3]   -0.04080874 
_atom_sites.fract_transf_matrix[2][1]   -0.02129056 
_atom_sites.fract_transf_matrix[2][2]   -0.00913813 
_atom_sites.fract_transf_matrix[2][3]   -0.00031913 
_atom_sites.fract_transf_matrix[3][1]   -0.02514974 
_atom_sites.fract_transf_matrix[3][2]   0.05542908 
_atom_sites.fract_transf_matrix[3][3]   0.09066524 
_atom_sites.fract_transf_vector[1]      0.128880 
_atom_sites.fract_transf_vector[2]      -0.229501 
_atom_sites.fract_transf_vector[3]      -0.222417 
# 
loop_
_atom_type.symbol 
C 
N 
O 
# 
loop_
_atom_site.group_PDB 
_atom_site.id 
_atom_site.type_symbol 
_atom_site.label_atom_id 
_atom_site.label_alt_id 
_atom_site.label_comp_id 
_atom_site.label_asym_id 
_atom_site.label_entity_id 
_atom_site.label_seq_id 
_atom_site.pdbx_PDB_ins_code 
_atom_site.Cartn_x 
_atom_site.Cartn_y 
_atom_site.Cartn_z 
_atom_site.occupancy 
_atom_site.B_iso_or_equiv 
_atom_site.pdbx_formal_charge 
_atom_site.auth_seq_id 
_atom_site.auth_comp_id 
_atom_site.auth_asym_id 
_atom_site.auth_atom_id 
_atom_site.pdbx_PDB_model_num 
ATOM   1   N N   . ALA A 1 1 ? -7.829  -0.673 1.202  1.00 2.79  ? 1   ALA A N   1 
ATOM   2   C CA  . ALA A 1 1 ? -6.637  -0.829 2.082  1.00 2.77  ? 1   ALA A CA  1 
ATOM   3   C C   . ALA A 1 1 ? -5.411  -0.331 1.336  1.00 2.41  ? 1   ALA A C   1 
ATOM   4   O O   . ALA A 1 1 ? -5.343  -0.428 0.112  1.00 3.08  ? 1   ALA A O   1 
ATOM   5   C CB  . ALA A 1 1 ? -6.458  -2.281 2.485  1.00 3.24  ? 1   ALA A CB  1 
ATOM   6   N N   . ALA A 1 2 ? -4.445  0.195  2.082  1.00 2.72  ? 2   ALA A N   1 
ATOM   7   C CA  . ALA A 1 2 ? -3.206  0.680  1.491  1.00 2.54  ? 2   ALA A CA  1 
ATOM   8   C C   . ALA A 1 2 ? -2.069  0.574  2.491  1.00 2.77  ? 2   ALA A C   1 
ATOM   9   O O   . ALA A 1 2 ? -2.222  0.942  3.652  1.00 4.68  ? 2   ALA A O   1 
ATOM   10  C CB  . ALA A 1 2 ? -3.367  2.123  1.029  1.00 3.79  ? 2   ALA A CB  1 
ATOM   11  N N   . ASP A 1 3 ? -0.934  0.073  2.020  1.00 2.65  ? 3   ASP A N   1 
ATOM   12  C CA  . ASP A 1 3 ? 0.286   0.003  2.807  1.00 2.35  ? 3   ASP A CA  1 
ATOM   13  C C   . ASP A 1 3 ? 1.369   0.713  2.009  1.00 2.48  ? 3   ASP A C   1 
ATOM   14  O O   . ASP A 1 3 ? 1.662   0.324  0.882  1.00 3.14  ? 3   ASP A O   1 
ATOM   15  C CB  . ASP A 1 3 ? 0.668   -1.452 3.065  1.00 3.47  ? 3   ASP A CB  1 
ATOM   16  C CG  . ASP A 1 3 ? 1.758   -1.598 4.107  1.00 5.22  ? 3   ASP A CG  1 
ATOM   17  O OD1 . ASP A 1 3 ? 1.915   -0.707 4.971  1.00 9.63  ? 3   ASP A OD1 1 
ATOM   18  O OD2 . ASP A 1 3 ? 2.457   -2.625 4.063  1.00 7.76  ? 3   ASP A OD2 1 
ATOM   19  N N   . THR A 1 4 ? 1.927   1.770  2.592  1.00 2.48  ? 4   THR A N   1 
ATOM   20  C CA  . THR A 1 4 ? 2.878   2.637  1.914  1.00 2.81  ? 4   THR A CA  1 
ATOM   21  C C   . THR A 1 4 ? 4.133   2.709  2.771  1.00 2.34  ? 4   THR A C   1 
ATOM   22  O O   . THR A 1 4 ? 4.058   3.008  3.962  1.00 2.82  ? 4   THR A O   1 
ATOM   23  C CB  . THR A 1 4 ? 2.290   4.045  1.741  1.00 3.50  ? 4   THR A CB  1 
ATOM   24  O OG1 . THR A 1 4 ? 0.998   3.951  1.126  1.00 5.30  ? 4   THR A OG1 1 
ATOM   25  C CG2 . THR A 1 4 ? 3.191   4.914  0.885  1.00 4.52  ? 4   THR A CG2 1 
ATOM   26  N N   . TRP A 1 5 ? 5.284   2.415  2.172  1.00 2.15  ? 5   TRP A N   1 
ATOM   27  C CA  . TRP A 1 5 ? 6.540   2.358  2.907  1.00 2.68  ? 5   TRP A CA  1 
ATOM   28  C C   . TRP A 1 5 ? 7.685   2.570  1.923  1.00 2.78  ? 5   TRP A C   1 
ATOM   29  O O   . TRP A 1 5 ? 7.514   2.372  0.721  1.00 3.14  ? 5   TRP A O   1 
ATOM   30  C CB  . TRP A 1 5 ? 6.687   0.994  3.605  1.00 3.34  ? 5   TRP A CB  1 
ATOM   31  C CG  . TRP A 1 5 ? 7.135   -0.086 2.671  1.00 2.96  ? 5   TRP A CG  1 
ATOM   32  C CD1 . TRP A 1 5 ? 8.406   -0.554 2.515  1.00 3.44  ? 5   TRP A CD1 1 
ATOM   33  C CD2 . TRP A 1 5 ? 6.329   -0.799 1.726  1.00 3.31  ? 5   TRP A CD2 1 
ATOM   34  N NE1 . TRP A 1 5 ? 8.442   -1.513 1.540  1.00 4.08  ? 5   TRP A NE1 1 
ATOM   35  C CE2 . TRP A 1 5 ? 7.181   -1.684 1.035  1.00 3.99  ? 5   TRP A CE2 1 
ATOM   36  C CE3 . TRP A 1 5 ? 4.969   -0.770 1.393  1.00 3.97  ? 5   TRP A CE3 1 
ATOM   37  C CZ2 . TRP A 1 5 ? 6.718   -2.544 0.033  1.00 4.47  ? 5   TRP A CZ2 1 
ATOM   38  C CZ3 . TRP A 1 5 ? 4.510   -1.618 0.390  1.00 4.20  ? 5   TRP A CZ3 1 
ATOM   39  C CH2 . TRP A 1 5 ? 5.384   -2.495 -0.275 1.00 5.12  ? 5   TRP A CH2 1 
ATOM   40  N N   . GLU A 1 6 ? 8.854   2.948  2.436  1.00 3.07  ? 6   GLU A N   1 
ATOM   41  C CA  . GLU A 1 6 ? 10.042  3.118  1.589  1.00 3.12  ? 6   GLU A CA  1 
ATOM   42  C C   . GLU A 1 6 ? 11.277  2.556  2.243  1.00 3.27  ? 6   GLU A C   1 
ATOM   43  O O   . GLU A 1 6 ? 11.344  2.476  3.469  1.00 3.84  ? 6   GLU A O   1 
ATOM   44  C CB  . GLU A 1 6 ? 10.270  4.591  1.264  1.00 3.25  ? 6   GLU A CB  1 
ATOM   45  C CG  . GLU A 1 6 ? 9.210   5.120  0.344  1.00 3.65  ? 6   GLU A CG  1 
ATOM   46  C CD  . GLU A 1 6 ? 9.317   6.594  0.045  1.00 5.01  ? 6   GLU A CD  1 
ATOM   47  O OE1 . GLU A 1 6 ? 10.331  7.247  0.385  1.00 6.47  ? 6   GLU A OE1 1 
ATOM   48  O OE2 . GLU A 1 6 ? 8.341   7.101  -0.544 1.00 6.23  ? 6   GLU A OE2 1 
ATOM   49  O OXT . GLU A 1 6 ? 12.224  2.199  1.537  1.00 4.43  ? 6   GLU A OXT 1 
ATOM   50  N N   . ALA B 1 1 ? 7.245   2.860  -1.944 1.00 3.09  ? 1   ALA B N   1 
ATOM   51  C CA  . ALA B 1 1 ? 6.428   1.713  -2.442 1.00 2.41  ? 1   ALA B CA  1 
ATOM   52  C C   . ALA B 1 1 ? 5.016   1.834  -1.899 1.00 2.64  ? 1   ALA B C   1 
ATOM   53  O O   . ALA B 1 1 ? 4.802   2.455  -0.857 1.00 2.69  ? 1   ALA B O   1 
ATOM   54  C CB  . ALA B 1 1 ? 7.040   0.388  -2.004 1.00 2.87  ? 1   ALA B CB  1 
ATOM   55  N N   . ALA B 1 2 ? 4.061   1.232  -2.597 1.00 2.57  ? 2   ALA B N   1 
ATOM   56  C CA  . ALA B 1 2 ? 2.689   1.189  -2.110 1.00 3.12  ? 2   ALA B CA  1 
ATOM   57  C C   . ALA B 1 2 ? 1.996   -0.066 -2.608 1.00 2.88  ? 2   ALA B C   1 
ATOM   58  O O   . ALA B 1 2 ? 2.175   -0.479 -3.753 1.00 4.24  ? 2   ALA B O   1 
ATOM   59  C CB  . ALA B 1 2 ? 1.921   2.423  -2.553 1.00 4.40  ? 2   ALA B CB  1 
ATOM   60  N N   . ASP B 1 3 ? 1.194   -0.655 -1.730 1.00 2.79  ? 3   ASP B N   1 
ATOM   61  C CA  . ASP B 1 3 ? 0.461   -1.879 -2.004 1.00 3.32  ? 3   ASP B CA  1 
ATOM   62  C C   . ASP B 1 3 ? -0.984  -1.598 -1.607 1.00 2.28  ? 3   ASP B C   1 
ATOM   63  O O   . ASP B 1 3 ? -1.259  -1.315 -0.444 1.00 3.14  ? 3   ASP B O   1 
ATOM   64  C CB  . ASP B 1 3 ? 1.106   -2.987 -1.164 1.00 5.06  ? 3   ASP B CB  1 
ATOM   65  C CG  . ASP B 1 3 ? 0.363   -4.306 -1.187 1.00 7.69  ? 3   ASP B CG  1 
ATOM   66  O OD1 . ASP B 1 3 ? -0.684  -4.442 -1.841 1.00 10.12 ? 3   ASP B OD1 1 
ATOM   67  O OD2 . ASP B 1 3 ? 0.861   -5.230 -0.508 1.00 9.69  ? 3   ASP B OD2 1 
ATOM   68  N N   . THR B 1 4 ? -1.890  -1.627 -2.582 1.00 2.51  ? 4   THR B N   1 
ATOM   69  C CA  . THR B 1 4 ? -3.285  -1.285 -2.340 1.00 2.92  ? 4   THR B CA  1 
ATOM   70  C C   . THR B 1 4 ? -4.198  -2.401 -2.831 1.00 2.82  ? 4   THR B C   1 
ATOM   71  O O   . THR B 1 4 ? -3.887  -3.105 -3.795 1.00 3.01  ? 4   THR B O   1 
ATOM   72  C CB  . THR B 1 4 ? -3.671  0.043  -3.020 1.00 3.47  ? 4   THR B CB  1 
ATOM   73  O OG1 . THR B 1 4 ? -3.588  -0.095 -4.443 1.00 4.31  ? 4   THR B OG1 1 
ATOM   74  C CG2 . THR B 1 4 ? -2.757  1.179  -2.561 1.00 5.48  ? 4   THR B CG2 1 
ATOM   75  N N   . TRP B 1 5 ? -5.331  -2.552 -2.156 1.00 2.68  ? 5   TRP B N   1 
ATOM   76  C CA  . TRP B 1 5 ? -6.300  -3.587 -2.500 1.00 3.06  ? 5   TRP B CA  1 
ATOM   77  C C   . TRP B 1 5 ? -7.612  -3.316 -1.773 1.00 3.38  ? 5   TRP B C   1 
ATOM   78  O O   . TRP B 1 5 ? -7.669  -2.478 -0.874 1.00 3.95  ? 5   TRP B O   1 
ATOM   79  C CB  . TRP B 1 5 ? -5.772  -4.985 -2.119 1.00 3.77  ? 5   TRP B CB  1 
ATOM   80  C CG  . TRP B 1 5 ? -5.747  -5.265 -0.634 1.00 4.30  ? 5   TRP B CG  1 
ATOM   81  C CD1 . TRP B 1 5 ? -6.661  -5.989 0.075  1.00 5.56  ? 5   TRP B CD1 1 
ATOM   82  C CD2 . TRP B 1 5 ? -4.757  -4.835 0.315  1.00 4.41  ? 5   TRP B CD2 1 
ATOM   83  N NE1 . TRP B 1 5 ? -6.309  -6.031 1.400  1.00 6.02  ? 5   TRP B NE1 1 
ATOM   84  C CE2 . TRP B 1 5 ? -5.145  -5.333 1.575  1.00 5.28  ? 5   TRP B CE2 1 
ATOM   85  C CE3 . TRP B 1 5 ? -3.589  -4.068 0.221  1.00 4.00  ? 5   TRP B CE3 1 
ATOM   86  C CZ2 . TRP B 1 5 ? -4.405  -5.099 2.736  1.00 5.82  ? 5   TRP B CZ2 1 
ATOM   87  C CZ3 . TRP B 1 5 ? -2.853  -3.833 1.376  1.00 4.53  ? 5   TRP B CZ3 1 
ATOM   88  C CH2 . TRP B 1 5 ? -3.268  -4.343 2.619  1.00 5.74  ? 5   TRP B CH2 1 
ATOM   89  N N   . GLU B 1 6 ? -8.652  -4.047 -2.166 1.00 3.08  ? 6   GLU B N   1 
ATOM   90  C CA  . GLU B 1 6 ? -9.895  -4.118 -1.396 1.00 3.19  ? 6   GLU B CA  1 
ATOM   91  C C   . GLU B 1 6 ? -10.113 -5.540 -0.917 1.00 2.95  ? 6   GLU B C   1 
ATOM   92  O O   . GLU B 1 6 ? -9.721  -6.485 -1.613 1.00 3.73  ? 6   GLU B O   1 
ATOM   93  C CB  . GLU B 1 6 ? -11.082 -3.643 -2.235 1.00 3.62  ? 6   GLU B CB  1 
ATOM   94  C CG  . GLU B 1 6 ? -10.875 -2.222 -2.700 1.00 4.21  ? 6   GLU B CG  1 
ATOM   95  C CD  . GLU B 1 6 ? -12.070 -1.582 -3.379 1.00 4.42  ? 6   GLU B CD  1 
ATOM   96  O OE1 . GLU B 1 6 ? -12.893 -2.275 -4.011 1.00 5.88  ? 6   GLU B OE1 1 
ATOM   97  O OE2 . GLU B 1 6 ? -12.149 -0.337 -3.307 1.00 4.45  ? 6   GLU B OE2 1 
ATOM   98  O OXT . GLU B 1 6 ? -10.667 -5.746 0.167  1.00 3.23  ? 6   GLU B OXT 1 
HETATM 99  O O   . HOH C 2 . ? -0.830  3.813  3.082  1.00 7.15  ? 101 HOH A O   1 
HETATM 100 O O   . HOH C 2 . ? -8.081  2.169  1.055  1.00 9.78  ? 102 HOH A O   1 
HETATM 101 O O   . HOH C 2 . ? -9.876  1.065  3.153  1.00 32.14 ? 103 HOH A O   1 
HETATM 102 O O   . HOH D 2 . ? -6.097  -0.744 -5.077 1.00 10.71 ? 101 HOH B O   1 
HETATM 103 O O   . HOH D 2 . ? -5.244  1.323  -8.485 1.00 7.23  ? 102 HOH B O   1 
# 
loop_
_atom_site_anisotrop.id 
_atom_site_anisotrop.type_symbol 
_atom_site_anisotrop.pdbx_label_atom_id 
_atom_site_anisotrop.pdbx_label_alt_id 
_atom_site_anisotrop.pdbx_label_comp_id 
_atom_site_anisotrop.pdbx_label_asym_id 
_atom_site_anisotrop.pdbx_label_seq_id 
_atom_site_anisotrop.pdbx_PDB_ins_code 
_atom_site_anisotrop.U[1][1] 
_atom_site_anisotrop.U[2][2] 
_atom_site_anisotrop.U[3][3] 
_atom_site_anisotrop.U[1][2] 
_atom_site_anisotrop.U[1][3] 
_atom_site_anisotrop.U[2][3] 
_atom_site_anisotrop.pdbx_auth_seq_id 
_atom_site_anisotrop.pdbx_auth_comp_id 
_atom_site_anisotrop.pdbx_auth_asym_id 
_atom_site_anisotrop.pdbx_auth_atom_id 
1   N N   . ALA A 1 ? 0.0267 0.0409 0.0383 0.0037  -0.0015 0.0040  1   ALA A N   
2   C CA  . ALA A 1 ? 0.0350 0.0377 0.0323 0.0013  -0.0008 0.0004  1   ALA A CA  
3   C C   . ALA A 1 ? 0.0299 0.0335 0.0281 0.0041  -0.0025 0.0003  1   ALA A C   
4   O O   . ALA A 1 ? 0.0304 0.0506 0.0357 -0.0023 -0.0047 -0.0031 1   ALA A O   
5   C CB  . ALA A 1 ? 0.0467 0.0315 0.0446 0.0032  0.0003  0.0107  1   ALA A CB  
6   N N   . ALA A 2 ? 0.0342 0.0436 0.0255 0.0011  0.0004  -0.0018 2   ALA A N   
7   C CA  . ALA A 2 ? 0.0336 0.0341 0.0288 -0.0016 0.0010  0.0030  2   ALA A CA  
8   C C   . ALA A 2 ? 0.0288 0.0429 0.0336 0.0037  -0.0049 -0.0011 2   ALA A C   
9   O O   . ALA A 2 ? 0.0407 0.1046 0.0322 0.0136  -0.0055 -0.0171 2   ALA A O   
10  C CB  . ALA A 2 ? 0.0530 0.0377 0.0531 -0.0077 0.0002  -0.0030 2   ALA A CB  
11  N N   . ASP A 3 ? 0.0266 0.0367 0.0372 0.0036  -0.0005 -0.0045 3   ASP A N   
12  C CA  . ASP A 3 ? 0.0256 0.0338 0.0299 -0.0014 0.0007  -0.0020 3   ASP A CA  
13  C C   . ASP A 3 ? 0.0282 0.0334 0.0324 -0.0012 -0.0033 -0.0026 3   ASP A C   
14  O O   . ASP A 3 ? 0.0385 0.0472 0.0334 -0.0135 0.0052  -0.0043 3   ASP A O   
15  C CB  . ASP A 3 ? 0.0454 0.0516 0.0347 -0.0001 -0.0043 -0.0051 3   ASP A CB  
16  C CG  . ASP A 3 ? 0.0718 0.0590 0.0673 0.0104  -0.0079 -0.0095 3   ASP A CG  
17  O OD1 . ASP A 3 ? 0.1302 0.1135 0.1219 0.0413  -0.0380 -0.0195 3   ASP A OD1 
18  O OD2 . ASP A 3 ? 0.0813 0.1097 0.1035 0.0479  -0.0163 -0.0229 3   ASP A OD2 
19  N N   . THR A 4 ? 0.0263 0.0425 0.0254 0.0003  0.0003  0.0007  4   THR A N   
20  C CA  . THR A 4 ? 0.0362 0.0379 0.0324 0.0001  -0.0064 0.0019  4   THR A CA  
21  C C   . THR A 4 ? 0.0283 0.0294 0.0310 0.0035  0.0041  0.0048  4   THR A C   
22  O O   . THR A 4 ? 0.0288 0.0513 0.0270 -0.0048 0.0019  -0.0063 4   THR A O   
23  C CB  . THR A 4 ? 0.0405 0.0546 0.0377 0.0075  -0.0106 0.0060  4   THR A CB  
24  O OG1 . THR A 4 ? 0.0543 0.0881 0.0587 0.0142  -0.0209 -0.0002 4   THR A OG1 
25  C CG2 . THR A 4 ? 0.0797 0.0526 0.0392 -0.0027 -0.0002 0.0089  4   THR A CG2 
26  N N   . TRP A 5 ? 0.0273 0.0257 0.0286 0.0000  0.0002  -0.0011 5   TRP A N   
27  C CA  . TRP A 5 ? 0.0381 0.0353 0.0283 -0.0051 0.0038  -0.0016 5   TRP A CA  
28  C C   . TRP A 5 ? 0.0348 0.0346 0.0360 -0.0009 0.0005  -0.0017 5   TRP A C   
29  O O   . TRP A 5 ? 0.0305 0.0480 0.0408 -0.0048 0.0023  -0.0011 5   TRP A O   
30  C CB  . TRP A 5 ? 0.0410 0.0427 0.0431 -0.0077 0.0011  0.0010  5   TRP A CB  
31  C CG  . TRP A 5 ? 0.0381 0.0331 0.0412 0.0019  -0.0029 0.0102  5   TRP A CG  
32  C CD1 . TRP A 5 ? 0.0422 0.0378 0.0504 0.0062  -0.0073 0.0123  5   TRP A CD1 
33  C CD2 . TRP A 5 ? 0.0402 0.0408 0.0445 -0.0023 0.0082  0.0128  5   TRP A CD2 
34  N NE1 . TRP A 5 ? 0.0395 0.0555 0.0599 0.0154  0.0013  0.0102  5   TRP A NE1 
35  C CE2 . TRP A 5 ? 0.0459 0.0522 0.0535 0.0061  0.0007  0.0120  5   TRP A CE2 
36  C CE3 . TRP A 5 ? 0.0484 0.0429 0.0593 -0.0001 0.0036  0.0035  5   TRP A CE3 
37  C CZ2 . TRP A 5 ? 0.0555 0.0552 0.0591 0.0067  0.0095  -0.0019 5   TRP A CZ2 
38  C CZ3 . TRP A 5 ? 0.0483 0.0501 0.0610 -0.0037 0.0000  0.0006  5   TRP A CZ3 
39  C CH2 . TRP A 5 ? 0.0607 0.0611 0.0726 0.0015  -0.0018 -0.0022 5   TRP A CH2 
40  N N   . GLU A 6 ? 0.0331 0.0532 0.0303 -0.0028 -0.0022 0.0004  6   GLU A N   
41  C CA  . GLU A 6 ? 0.0291 0.0543 0.0350 -0.0090 0.0038  -0.0023 6   GLU A CA  
42  C C   . GLU A 6 ? 0.0370 0.0425 0.0444 -0.0041 -0.0007 -0.0072 6   GLU A C   
43  O O   . GLU A 6 ? 0.0475 0.0449 0.0535 0.0086  -0.0022 -0.0048 6   GLU A O   
44  C CB  . GLU A 6 ? 0.0289 0.0385 0.0557 -0.0033 -0.0025 0.0100  6   GLU A CB  
45  C CG  . GLU A 6 ? 0.0404 0.0361 0.0619 -0.0067 -0.0062 0.0133  6   GLU A CG  
46  C CD  . GLU A 6 ? 0.0444 0.0558 0.0901 -0.0138 -0.0096 0.0127  6   GLU A CD  
47  O OE1 . GLU A 6 ? 0.0673 0.0671 0.1111 -0.0113 -0.0029 0.0077  6   GLU A OE1 
48  O OE2 . GLU A 6 ? 0.0696 0.0564 0.1108 -0.0118 -0.0227 0.0291  6   GLU A OE2 
49  O OXT . GLU A 6 ? 0.0326 0.0667 0.0688 0.0059  0.0015  -0.0074 6   GLU A OXT 
50  N N   . ALA B 1 ? 0.0378 0.0359 0.0436 -0.0112 0.0012  0.0019  1   ALA B N   
51  C CA  . ALA B 1 ? 0.0347 0.0269 0.0300 0.0013  0.0038  -0.0004 1   ALA B CA  
52  C C   . ALA B 1 ? 0.0307 0.0419 0.0275 0.0014  -0.0029 0.0027  1   ALA B C   
53  O O   . ALA B 1 ? 0.0344 0.0363 0.0311 -0.0002 -0.0011 -0.0037 1   ALA B O   
54  C CB  . ALA B 1 ? 0.0311 0.0309 0.0470 0.0057  0.0029  0.0043  1   ALA B CB  
55  N N   . ALA B 2 ? 0.0315 0.0401 0.0259 0.0025  0.0008  -0.0025 2   ALA B N   
56  C CA  . ALA B 2 ? 0.0315 0.0500 0.0368 -0.0002 0.0059  -0.0063 2   ALA B CA  
57  C C   . ALA B 2 ? 0.0324 0.0429 0.0340 -0.0055 0.0053  -0.0042 2   ALA B C   
58  O O   . ALA B 2 ? 0.0566 0.0752 0.0293 -0.0250 0.0102  -0.0126 2   ALA B O   
59  C CB  . ALA B 2 ? 0.0318 0.0529 0.0824 0.0074  0.0049  -0.0047 2   ALA B CB  
60  N N   . ASP B 3 ? 0.0352 0.0395 0.0312 -0.0037 0.0065  -0.0038 3   ASP B N   
61  C CA  . ASP B 3 ? 0.0394 0.0371 0.0494 0.0059  -0.0033 -0.0047 3   ASP B CA  
62  C C   . ASP B 3 ? 0.0278 0.0271 0.0317 -0.0020 -0.0028 0.0018  3   ASP B C   
63  O O   . ASP B 3 ? 0.0330 0.0576 0.0288 0.0026  -0.0030 -0.0094 3   ASP B O   
64  C CB  . ASP B 3 ? 0.0525 0.0525 0.0871 0.0065  -0.0034 0.0021  3   ASP B CB  
65  C CG  . ASP B 3 ? 0.0857 0.0821 0.1243 0.0165  -0.0123 0.0009  3   ASP B CG  
66  O OD1 . ASP B 3 ? 0.1171 0.0977 0.1697 0.0039  -0.0269 -0.0198 3   ASP B OD1 
67  O OD2 . ASP B 3 ? 0.1195 0.0944 0.1540 0.0055  0.0020  0.0158  3   ASP B OD2 
68  N N   . THR B 4 ? 0.0308 0.0272 0.0372 -0.0028 0.0019  -0.0030 4   THR B N   
69  C CA  . THR B 4 ? 0.0397 0.0354 0.0356 -0.0019 -0.0005 -0.0037 4   THR B CA  
70  C C   . THR B 4 ? 0.0381 0.0399 0.0291 -0.0025 -0.0008 -0.0042 4   THR B C   
71  O O   . THR B 4 ? 0.0365 0.0431 0.0347 -0.0125 0.0037  -0.0069 4   THR B O   
72  C CB  . THR B 4 ? 0.0429 0.0340 0.0548 0.0012  0.0047  0.0001  4   THR B CB  
73  O OG1 . THR B 4 ? 0.0552 0.0428 0.0655 0.0010  0.0022  0.0097  4   THR B OG1 
74  C CG2 . THR B 4 ? 0.0711 0.0487 0.0883 -0.0086 0.0017  -0.0089 4   THR B CG2 
75  N N   . TRP B 5 ? 0.0422 0.0332 0.0262 -0.0033 0.0038  -0.0007 5   TRP B N   
76  C CA  . TRP B 5 ? 0.0462 0.0381 0.0315 -0.0081 0.0072  -0.0019 5   TRP B CA  
77  C C   . TRP B 5 ? 0.0412 0.0434 0.0437 -0.0071 0.0015  -0.0074 5   TRP B C   
78  O O   . TRP B 5 ? 0.0390 0.0607 0.0501 -0.0090 0.0046  -0.0135 5   TRP B O   
79  C CB  . TRP B 5 ? 0.0399 0.0418 0.0615 -0.0016 -0.0001 -0.0034 5   TRP B CB  
80  C CG  . TRP B 5 ? 0.0463 0.0482 0.0688 -0.0007 0.0108  0.0035  5   TRP B CG  
81  C CD1 . TRP B 5 ? 0.0654 0.0516 0.0941 -0.0031 0.0091  0.0121  5   TRP B CD1 
82  C CD2 . TRP B 5 ? 0.0416 0.0533 0.0726 0.0147  0.0076  0.0080  5   TRP B CD2 
83  N NE1 . TRP B 5 ? 0.0644 0.0653 0.0988 -0.0056 0.0111  0.0179  5   TRP B NE1 
84  C CE2 . TRP B 5 ? 0.0603 0.0589 0.0813 0.0051  0.0025  0.0117  5   TRP B CE2 
85  C CE3 . TRP B 5 ? 0.0465 0.0442 0.0614 0.0092  -0.0045 0.0102  5   TRP B CE3 
86  C CZ2 . TRP B 5 ? 0.0700 0.0699 0.0810 0.0172  0.0054  0.0198  5   TRP B CZ2 
87  C CZ3 . TRP B 5 ? 0.0489 0.0577 0.0653 0.0151  -0.0047 0.0126  5   TRP B CZ3 
88  C CH2 . TRP B 5 ? 0.0684 0.0758 0.0737 0.0190  -0.0037 0.0088  5   TRP B CH2 
89  N N   . GLU B 6 ? 0.0389 0.0426 0.0352 -0.0100 0.0055  -0.0065 6   GLU B N   
90  C CA  . GLU B 6 ? 0.0334 0.0477 0.0399 -0.0107 0.0050  -0.0005 6   GLU B CA  
91  C C   . GLU B 6 ? 0.0290 0.0459 0.0370 -0.0084 0.0036  -0.0044 6   GLU B C   
92  O O   . GLU B 6 ? 0.0444 0.0386 0.0587 -0.0026 0.0064  0.0064  6   GLU B O   
93  C CB  . GLU B 6 ? 0.0363 0.0452 0.0560 -0.0065 0.0006  0.0070  6   GLU B CB  
94  C CG  . GLU B 6 ? 0.0498 0.0433 0.0666 -0.0050 -0.0095 0.0101  6   GLU B CG  
95  C CD  . GLU B 6 ? 0.0596 0.0372 0.0709 -0.0108 -0.0078 0.0088  6   GLU B CD  
96  O OE1 . GLU B 6 ? 0.0766 0.0525 0.0943 -0.0014 -0.0131 -0.0003 6   GLU B OE1 
97  O OE2 . GLU B 6 ? 0.0620 0.0336 0.0734 -0.0004 -0.0036 0.0042  6   GLU B OE2 
98  O OXT . GLU B 6 ? 0.0437 0.0285 0.0504 -0.0003 0.0030  0.0035  6   GLU B OXT 
99  O O   . HOH C . ? 0.0730 0.1063 0.0921 0.0013  -0.0119 0.0130  101 HOH A O   
100 O O   . HOH C . ? 0.1367 0.1057 0.1291 -0.0106 0.0077  -0.0086 102 HOH A O   
101 O O   . HOH C . ? 0.4277 0.3938 0.3996 0.0138  0.0138  -0.0141 103 HOH A O   
102 O O   . HOH D . ? 0.1042 0.1233 0.1792 0.0013  0.0016  -0.0175 101 HOH B O   
103 O O   . HOH D . ? 0.0846 0.0809 0.1091 -0.0148 0.0082  -0.0315 102 HOH B O   
# 
